data_4R2I
#
_entry.id   4R2I
#
_cell.length_a   52.360
_cell.length_b   58.320
_cell.length_c   67.320
_cell.angle_alpha   90.000
_cell.angle_beta   90.000
_cell.angle_gamma   90.000
#
_symmetry.space_group_name_H-M   'P 21 21 21'
#
loop_
_entity.id
_entity.type
_entity.pdbx_description
1 polymer 'STIV B204 ATPase'
2 non-polymer 'ZINC ION'
3 non-polymer 'PHOSPHOAMINOPHOSPHONIC ACID-ADENYLATE ESTER'
4 water water
#
_entity_poly.entity_id   1
_entity_poly.type   'polypeptide(L)'
_entity_poly.pdbx_seq_one_letter_code
;MNPDDIVVIIGRKRSGKSYLIKHYFIPVLKAHKISYIIDDHNLLRSGSEYSKFGYNVVTLSDIVSKQYVVVYDREKNDVF
FEKLWNGAKLHAKKWGTSVLIIDEAYYHFKYRQKVTPAIDEALHANRHAGIGLILSTQRVYDLMPIVYKQADLIIMFYTR
EPNELKWISKYISTEAAEKVKTLKQYYFLIYDVNSQMIKIHKPIHHHHHH
;
_entity_poly.pdbx_strand_id   A
#
# COMPACT_ATOMS: atom_id res chain seq x y z
N MET A 1 -4.68 -2.98 -18.72
CA MET A 1 -4.52 -2.66 -17.28
C MET A 1 -3.77 -1.35 -17.08
N ASN A 2 -4.33 -0.48 -16.26
CA ASN A 2 -3.74 0.81 -15.98
C ASN A 2 -3.93 1.19 -14.49
N PRO A 3 -3.17 0.52 -13.65
CA PRO A 3 -3.42 0.54 -12.21
C PRO A 3 -2.87 1.80 -11.54
N ASP A 4 -3.51 2.93 -11.77
CA ASP A 4 -3.13 4.20 -11.16
C ASP A 4 -4.01 4.69 -10.03
N ASP A 5 -4.68 3.78 -9.33
CA ASP A 5 -5.52 4.17 -8.24
C ASP A 5 -4.79 4.00 -6.91
N ILE A 6 -5.49 4.25 -5.82
CA ILE A 6 -4.91 4.19 -4.49
C ILE A 6 -5.67 3.20 -3.68
N VAL A 7 -4.94 2.19 -3.17
CA VAL A 7 -5.56 1.12 -2.42
C VAL A 7 -4.89 1.12 -1.07
N VAL A 8 -5.72 1.20 -0.03
CA VAL A 8 -5.20 1.08 1.32
C VAL A 8 -5.65 -0.26 1.88
N ILE A 9 -4.71 -0.95 2.52
CA ILE A 9 -4.92 -2.26 3.06
C ILE A 9 -4.52 -2.27 4.54
N ILE A 10 -5.52 -2.49 5.38
CA ILE A 10 -5.32 -2.56 6.80
C ILE A 10 -5.50 -3.98 7.36
N GLY A 11 -4.53 -4.36 8.20
CA GLY A 11 -4.51 -5.67 8.75
C GLY A 11 -3.31 -5.95 9.64
N ARG A 12 -3.54 -6.57 10.78
CA ARG A 12 -2.39 -6.90 11.64
C ARG A 12 -1.61 -8.09 11.17
N LYS A 13 -0.45 -8.29 11.79
CA LYS A 13 0.33 -9.49 11.52
C LYS A 13 -0.59 -10.66 11.84
N ARG A 14 -0.42 -11.72 11.05
CA ARG A 14 -1.28 -12.91 11.09
C ARG A 14 -2.72 -12.81 10.56
N SER A 15 -3.17 -11.63 10.13
CA SER A 15 -4.53 -11.45 9.61
C SER A 15 -4.75 -12.05 8.22
N GLY A 16 -3.67 -12.22 7.46
CA GLY A 16 -3.70 -12.61 6.04
C GLY A 16 -3.44 -11.47 5.04
N LYS A 17 -3.32 -10.25 5.56
CA LYS A 17 -3.01 -9.09 4.76
C LYS A 17 -1.74 -9.28 3.96
N SER A 18 -0.66 -9.78 4.57
CA SER A 18 0.59 -9.84 3.73
C SER A 18 0.55 -10.88 2.64
N TYR A 19 -0.11 -11.99 2.91
CA TYR A 19 -0.28 -13.04 1.94
C TYR A 19 -1.11 -12.50 0.70
N LEU A 20 -2.05 -11.59 0.96
CA LEU A 20 -2.84 -10.97 -0.11
C LEU A 20 -2.01 -10.04 -1.00
N ILE A 21 -1.11 -9.31 -0.41
CA ILE A 21 -0.21 -8.44 -1.22
C ILE A 21 0.83 -9.26 -1.94
N LYS A 22 1.48 -10.11 -1.17
CA LYS A 22 2.59 -10.87 -1.68
C LYS A 22 2.22 -11.97 -2.65
N HIS A 23 1.09 -12.65 -2.45
CA HIS A 23 0.72 -13.78 -3.29
C HIS A 23 -0.53 -13.56 -4.15
N TYR A 24 -1.08 -12.35 -4.14
CA TYR A 24 -2.14 -11.98 -5.10
C TYR A 24 -1.77 -10.71 -5.85
N PHE A 25 -1.66 -9.56 -5.14
CA PHE A 25 -1.45 -8.28 -5.83
C PHE A 25 -0.17 -8.28 -6.67
N ILE A 26 0.93 -8.57 -6.02
CA ILE A 26 2.22 -8.55 -6.70
C ILE A 26 2.25 -9.51 -7.89
N PRO A 27 1.86 -10.79 -7.68
CA PRO A 27 1.87 -11.63 -8.83
C PRO A 27 0.90 -11.20 -9.94
N VAL A 28 -0.23 -10.56 -9.67
CA VAL A 28 -1.11 -10.12 -10.78
C VAL A 28 -0.43 -9.01 -11.61
N LEU A 29 0.21 -8.11 -10.89
CA LEU A 29 0.98 -7.05 -11.57
C LEU A 29 2.10 -7.61 -12.48
N LYS A 30 2.86 -8.56 -11.93
CA LYS A 30 3.89 -9.24 -12.63
C LYS A 30 3.33 -9.92 -13.89
N ALA A 31 2.24 -10.66 -13.75
CA ALA A 31 1.57 -11.36 -14.88
C ALA A 31 1.14 -10.42 -15.95
N HIS A 32 0.80 -9.17 -15.61
CA HIS A 32 0.43 -8.18 -16.63
C HIS A 32 1.52 -7.27 -17.06
N LYS A 33 2.75 -7.59 -16.68
CA LYS A 33 3.93 -6.73 -16.91
C LYS A 33 3.77 -5.29 -16.44
N ILE A 34 3.16 -5.15 -15.27
CA ILE A 34 3.04 -3.84 -14.64
C ILE A 34 4.16 -3.69 -13.61
N SER A 35 4.97 -2.69 -13.82
CA SER A 35 6.11 -2.51 -13.01
C SER A 35 5.70 -2.07 -11.61
N TYR A 36 6.53 -2.41 -10.64
CA TYR A 36 6.32 -1.93 -9.29
C TYR A 36 7.59 -1.76 -8.55
N ILE A 37 7.46 -0.89 -7.54
CA ILE A 37 8.46 -0.56 -6.58
C ILE A 37 7.94 -0.76 -5.16
N ILE A 38 8.70 -1.56 -4.38
CA ILE A 38 8.35 -1.91 -3.04
C ILE A 38 9.29 -1.17 -2.05
N ASP A 39 8.68 -0.31 -1.23
CA ASP A 39 9.34 0.38 -0.12
C ASP A 39 9.23 -0.53 1.15
N ASP A 40 10.34 -1.20 1.43
CA ASP A 40 10.42 -2.24 2.45
C ASP A 40 11.32 -1.70 3.58
N HIS A 41 10.78 -1.71 4.81
CA HIS A 41 11.47 -1.21 6.04
C HIS A 41 11.93 -2.31 6.99
N ASN A 42 11.39 -3.50 6.83
CA ASN A 42 11.70 -4.57 7.76
C ASN A 42 12.98 -5.32 7.34
N LEU A 43 14.15 -4.75 7.63
CA LEU A 43 15.41 -5.47 7.45
C LEU A 43 15.51 -6.58 8.53
N LEU A 44 15.37 -7.85 8.10
CA LEU A 44 15.87 -9.00 8.85
C LEU A 44 17.29 -9.28 8.33
N ARG A 45 18.13 -9.93 9.13
CA ARG A 45 19.50 -10.28 8.72
C ARG A 45 19.51 -11.28 7.57
N SER A 46 18.49 -12.11 7.44
CA SER A 46 18.39 -12.92 6.23
C SER A 46 17.70 -12.11 5.14
N GLY A 47 17.82 -10.78 5.20
CA GLY A 47 17.21 -9.91 4.20
C GLY A 47 15.70 -9.92 4.32
N SER A 48 15.06 -8.96 3.69
CA SER A 48 13.65 -8.85 3.97
C SER A 48 12.69 -9.63 3.07
N GLU A 49 11.44 -9.46 3.45
CA GLU A 49 10.31 -10.26 3.03
C GLU A 49 10.24 -10.29 1.51
N TYR A 50 10.27 -9.08 0.93
CA TYR A 50 9.96 -8.85 -0.47
C TYR A 50 11.12 -9.03 -1.39
N SER A 51 12.31 -9.26 -0.79
CA SER A 51 13.55 -9.54 -1.52
C SER A 51 13.29 -10.50 -2.61
N LYS A 52 12.34 -11.41 -2.41
CA LYS A 52 11.96 -12.39 -3.44
C LYS A 52 11.21 -11.81 -4.65
N PHE A 53 10.63 -10.64 -4.47
CA PHE A 53 9.65 -10.11 -5.47
C PHE A 53 10.20 -9.01 -6.37
N GLY A 54 11.47 -8.70 -6.22
CA GLY A 54 12.05 -7.66 -6.99
C GLY A 54 13.51 -7.47 -6.69
N TYR A 55 14.06 -6.53 -7.41
CA TYR A 55 15.46 -6.39 -7.45
C TYR A 55 15.85 -5.08 -6.85
N ASN A 56 16.93 -5.13 -6.11
CA ASN A 56 17.57 -3.93 -5.61
C ASN A 56 18.32 -3.15 -6.71
N VAL A 57 17.97 -1.90 -6.94
CA VAL A 57 18.61 -1.06 -7.97
C VAL A 57 19.90 -0.36 -7.47
N VAL A 58 21.03 -0.77 -8.03
CA VAL A 58 22.35 -0.26 -7.62
C VAL A 58 23.04 0.42 -8.79
N THR A 59 23.11 -0.24 -9.97
CA THR A 59 23.93 0.21 -11.10
C THR A 59 23.15 0.94 -12.19
N LEU A 60 23.88 1.60 -13.09
CA LEU A 60 23.28 2.17 -14.32
C LEU A 60 22.50 1.08 -15.07
N SER A 61 23.05 -0.14 -15.15
CA SER A 61 22.32 -1.26 -15.77
C SER A 61 21.00 -1.54 -15.10
N ASP A 62 20.98 -1.56 -13.78
CA ASP A 62 19.75 -1.79 -13.00
C ASP A 62 18.69 -0.74 -13.27
N ILE A 63 19.15 0.49 -13.36
CA ILE A 63 18.30 1.64 -13.65
C ILE A 63 17.51 1.47 -14.92
N VAL A 64 18.14 0.97 -15.94
CA VAL A 64 17.44 0.83 -17.16
C VAL A 64 16.80 -0.56 -17.35
N SER A 65 17.29 -1.58 -16.64
CA SER A 65 16.86 -3.01 -16.87
C SER A 65 15.81 -3.56 -15.93
N LYS A 66 15.72 -3.04 -14.71
CA LYS A 66 14.95 -3.71 -13.68
C LYS A 66 13.60 -3.06 -13.54
N GLN A 67 12.56 -3.77 -13.92
CA GLN A 67 11.23 -3.23 -13.91
C GLN A 67 10.53 -3.42 -12.57
N TYR A 68 10.94 -4.45 -11.83
CA TYR A 68 10.33 -4.83 -10.56
C TYR A 68 11.36 -4.66 -9.44
N VAL A 69 11.11 -3.71 -8.57
CA VAL A 69 12.14 -3.13 -7.70
C VAL A 69 11.74 -3.24 -6.26
N VAL A 70 12.74 -3.48 -5.42
CA VAL A 70 12.60 -3.54 -4.02
C VAL A 70 13.55 -2.50 -3.52
N VAL A 71 13.05 -1.62 -2.66
CA VAL A 71 13.91 -0.62 -2.01
C VAL A 71 14.01 -0.90 -0.49
N TYR A 72 15.22 -1.09 0.02
CA TYR A 72 15.42 -1.15 1.49
C TYR A 72 15.45 0.30 2.08
N ASP A 73 14.51 0.61 2.98
CA ASP A 73 14.46 1.94 3.60
C ASP A 73 14.81 1.88 5.12
N ARG A 74 16.07 2.09 5.47
CA ARG A 74 16.41 2.17 6.92
C ARG A 74 16.31 3.63 7.42
N GLU A 75 16.20 4.56 6.47
CA GLU A 75 15.93 5.99 6.72
C GLU A 75 14.56 6.31 7.38
N LYS A 76 13.47 5.92 6.69
CA LYS A 76 12.10 5.94 7.21
C LYS A 76 11.55 7.33 7.43
N ASN A 77 11.84 8.16 6.43
CA ASN A 77 12.09 9.59 6.57
C ASN A 77 11.43 10.38 5.44
N ASP A 78 11.10 11.65 5.69
CA ASP A 78 10.56 12.52 4.62
C ASP A 78 11.57 12.80 3.51
N VAL A 79 12.84 12.81 3.88
CA VAL A 79 13.93 13.00 2.93
C VAL A 79 14.03 11.76 2.04
N PHE A 80 13.86 10.58 2.64
CA PHE A 80 13.85 9.38 1.86
C PHE A 80 12.59 9.29 0.96
N PHE A 81 11.42 9.67 1.48
CA PHE A 81 10.21 9.59 0.67
C PHE A 81 10.22 10.50 -0.59
N GLU A 82 10.85 11.66 -0.45
CA GLU A 82 11.01 12.59 -1.57
C GLU A 82 11.75 11.91 -2.75
N LYS A 83 12.91 11.34 -2.47
CA LYS A 83 13.64 10.46 -3.40
C LYS A 83 12.91 9.26 -3.95
N LEU A 84 12.27 8.49 -3.04
CA LEU A 84 11.44 7.32 -3.45
C LEU A 84 10.41 7.78 -4.46
N TRP A 85 9.78 8.94 -4.20
CA TRP A 85 8.67 9.41 -5.03
C TRP A 85 9.16 10.01 -6.35
N ASN A 86 10.18 10.86 -6.30
CA ASN A 86 10.86 11.31 -7.56
C ASN A 86 11.34 10.18 -8.42
N GLY A 87 12.02 9.26 -7.76
CA GLY A 87 12.43 8.00 -8.40
C GLY A 87 11.26 7.28 -9.07
N ALA A 88 10.15 7.15 -8.35
CA ALA A 88 8.97 6.47 -8.89
C ALA A 88 8.36 7.12 -10.14
N LYS A 89 8.28 8.45 -10.10
CA LYS A 89 7.81 9.23 -11.25
C LYS A 89 8.64 8.91 -12.50
N LEU A 90 9.92 8.77 -12.30
CA LEU A 90 10.81 8.45 -13.40
C LEU A 90 10.64 6.99 -13.82
N HIS A 91 10.42 6.09 -12.85
CA HIS A 91 10.20 4.69 -13.18
C HIS A 91 9.01 4.49 -14.09
N ALA A 92 7.93 5.23 -13.80
CA ALA A 92 6.77 5.24 -14.65
C ALA A 92 7.04 5.82 -16.05
N LYS A 93 7.83 6.87 -16.14
CA LYS A 93 8.19 7.39 -17.45
C LYS A 93 8.83 6.29 -18.32
N LYS A 94 9.68 5.47 -17.72
CA LYS A 94 10.43 4.42 -18.40
C LYS A 94 9.58 3.23 -18.75
N TRP A 95 8.84 2.76 -17.75
CA TRP A 95 8.09 1.53 -17.87
C TRP A 95 6.60 1.68 -18.11
N GLY A 96 6.07 2.88 -18.16
CA GLY A 96 4.62 3.05 -18.15
C GLY A 96 4.07 2.97 -16.71
N THR A 97 2.78 3.06 -16.59
CA THR A 97 2.15 3.06 -15.25
C THR A 97 2.76 2.01 -14.31
N SER A 98 3.24 2.46 -13.15
CA SER A 98 3.85 1.63 -12.10
C SER A 98 3.06 1.78 -10.81
N VAL A 99 3.25 0.81 -9.93
CA VAL A 99 2.64 0.79 -8.60
C VAL A 99 3.71 0.87 -7.53
N LEU A 100 3.56 1.88 -6.64
CA LEU A 100 4.40 2.02 -5.48
C LEU A 100 3.71 1.31 -4.33
N ILE A 101 4.41 0.33 -3.79
CA ILE A 101 3.88 -0.50 -2.76
C ILE A 101 4.72 -0.17 -1.49
N ILE A 102 4.02 0.38 -0.52
CA ILE A 102 4.61 0.79 0.72
C ILE A 102 4.11 -0.04 1.90
N ASP A 103 4.97 -0.89 2.40
CA ASP A 103 4.66 -1.72 3.54
C ASP A 103 5.00 -0.85 4.74
N GLU A 104 4.19 -0.92 5.79
CA GLU A 104 4.26 -0.09 6.97
C GLU A 104 4.31 1.36 6.54
N ALA A 105 3.22 1.78 5.92
CA ALA A 105 3.13 3.09 5.34
C ALA A 105 3.07 4.16 6.41
N TYR A 106 2.81 3.75 7.66
CA TYR A 106 3.03 4.58 8.86
C TYR A 106 4.28 5.46 8.76
N TYR A 107 5.38 4.91 8.30
CA TYR A 107 6.65 5.62 8.32
C TYR A 107 6.58 6.93 7.55
N HIS A 108 5.82 6.95 6.46
CA HIS A 108 5.71 8.15 5.66
C HIS A 108 4.33 8.80 5.62
N PHE A 109 3.27 8.07 6.04
CA PHE A 109 1.89 8.60 5.92
C PHE A 109 1.21 8.84 7.26
N LYS A 110 1.97 8.81 8.33
CA LYS A 110 1.43 9.07 9.65
C LYS A 110 1.12 10.53 9.75
N TYR A 111 0.24 10.89 10.67
CA TYR A 111 -0.05 12.29 10.94
C TYR A 111 1.19 13.12 11.15
N ARG A 112 1.36 14.11 10.28
CA ARG A 112 2.36 15.17 10.40
C ARG A 112 1.59 16.51 10.32
N GLN A 113 2.04 17.52 11.03
CA GLN A 113 1.39 18.84 10.98
C GLN A 113 1.73 19.54 9.66
N LYS A 114 2.99 19.41 9.22
CA LYS A 114 3.46 19.87 7.89
C LYS A 114 3.79 18.75 6.91
N VAL A 115 2.90 18.60 5.93
CA VAL A 115 2.97 17.57 4.92
C VAL A 115 3.97 17.94 3.82
N THR A 116 4.94 17.08 3.55
CA THR A 116 5.88 17.33 2.47
C THR A 116 5.22 17.27 1.12
N PRO A 117 5.67 18.13 0.20
CA PRO A 117 5.18 18.15 -1.15
C PRO A 117 5.10 16.75 -1.86
N ALA A 118 6.06 15.86 -1.66
CA ALA A 118 6.03 14.49 -2.25
C ALA A 118 4.81 13.72 -1.71
N ILE A 119 4.54 13.84 -0.42
CA ILE A 119 3.39 13.17 0.17
C ILE A 119 2.09 13.76 -0.38
N ASP A 120 2.05 15.08 -0.51
CA ASP A 120 0.86 15.78 -1.00
C ASP A 120 0.55 15.34 -2.45
N GLU A 121 1.60 15.27 -3.27
CA GLU A 121 1.52 14.77 -4.64
C GLU A 121 1.04 13.34 -4.78
N ALA A 122 1.66 12.44 -4.01
CA ALA A 122 1.27 11.00 -3.93
C ALA A 122 -0.21 10.88 -3.62
N LEU A 123 -0.67 11.72 -2.70
CA LEU A 123 -2.07 11.62 -2.27
C LEU A 123 -3.06 12.28 -3.24
N HIS A 124 -2.62 13.36 -3.91
CA HIS A 124 -3.48 14.17 -4.77
C HIS A 124 -3.24 14.13 -6.27
N ALA A 125 -2.01 13.86 -6.70
CA ALA A 125 -1.60 13.91 -8.10
C ALA A 125 -0.96 12.60 -8.60
N ASN A 126 -1.32 11.49 -7.97
CA ASN A 126 -0.76 10.20 -8.37
C ASN A 126 -1.11 9.85 -9.83
N ARG A 127 -2.36 10.09 -10.24
CA ARG A 127 -2.78 9.89 -11.63
C ARG A 127 -1.98 10.75 -12.64
N HIS A 128 -1.60 11.96 -12.28
CA HIS A 128 -0.74 12.81 -13.12
C HIS A 128 0.62 12.15 -13.37
N ALA A 129 1.18 11.55 -12.30
CA ALA A 129 2.46 10.84 -12.37
C ALA A 129 2.41 9.46 -12.97
N GLY A 130 1.25 8.82 -12.99
CA GLY A 130 1.15 7.43 -13.51
C GLY A 130 1.62 6.40 -12.50
N ILE A 131 1.41 6.71 -11.23
CA ILE A 131 1.76 5.83 -10.13
C ILE A 131 0.56 5.48 -9.27
N GLY A 132 0.20 4.19 -9.31
CA GLY A 132 -0.75 3.62 -8.39
C GLY A 132 -0.06 3.50 -7.06
N LEU A 133 -0.83 3.45 -5.98
CA LEU A 133 -0.37 3.13 -4.64
C LEU A 133 -1.10 1.97 -3.98
N ILE A 134 -0.29 1.17 -3.28
CA ILE A 134 -0.75 0.24 -2.30
C ILE A 134 -0.07 0.61 -1.00
N LEU A 135 -0.90 1.04 -0.06
CA LEU A 135 -0.42 1.51 1.23
C LEU A 135 -0.85 0.51 2.31
N SER A 136 0.11 -0.11 2.97
CA SER A 136 -0.20 -1.21 3.88
C SER A 136 0.19 -0.80 5.29
N THR A 137 -0.69 -1.09 6.25
CA THR A 137 -0.42 -0.82 7.62
C THR A 137 -1.30 -1.73 8.50
N GLN A 138 -0.89 -1.78 9.76
CA GLN A 138 -1.43 -2.70 10.72
C GLN A 138 -2.70 -2.20 11.30
N ARG A 139 -2.81 -0.91 11.57
CA ARG A 139 -3.96 -0.32 12.27
C ARG A 139 -4.42 0.92 11.55
N VAL A 140 -5.70 1.11 11.55
CA VAL A 140 -6.31 2.09 10.73
C VAL A 140 -5.81 3.50 11.11
N TYR A 141 -5.58 3.71 12.41
CA TYR A 141 -5.22 5.02 12.92
C TYR A 141 -3.72 5.31 12.79
N ASP A 142 -2.94 4.32 12.34
CA ASP A 142 -1.54 4.52 11.91
C ASP A 142 -1.40 5.65 10.85
N LEU A 143 -2.43 5.83 10.01
CA LEU A 143 -2.36 6.74 8.89
C LEU A 143 -3.24 7.95 9.13
N MET A 144 -2.79 9.08 8.56
CA MET A 144 -3.57 10.36 8.52
C MET A 144 -4.92 10.24 7.88
N PRO A 145 -5.94 10.91 8.49
CA PRO A 145 -7.27 10.80 7.93
C PRO A 145 -7.33 11.07 6.42
N ILE A 146 -6.51 11.98 5.92
CA ILE A 146 -6.62 12.37 4.52
C ILE A 146 -6.27 11.23 3.51
N VAL A 147 -5.53 10.23 3.98
CA VAL A 147 -5.24 9.04 3.20
C VAL A 147 -6.55 8.36 2.86
N TYR A 148 -7.43 8.18 3.85
CA TYR A 148 -8.67 7.46 3.68
C TYR A 148 -9.63 8.20 2.79
N LYS A 149 -9.56 9.51 2.89
CA LYS A 149 -10.29 10.43 2.03
C LYS A 149 -9.83 10.38 0.57
N GLN A 150 -8.51 10.34 0.36
CA GLN A 150 -7.97 10.28 -0.99
C GLN A 150 -7.93 8.87 -1.58
N ALA A 151 -8.22 7.82 -0.82
CA ALA A 151 -8.13 6.45 -1.36
C ALA A 151 -9.27 6.17 -2.35
N ASP A 152 -9.04 5.26 -3.29
CA ASP A 152 -10.07 4.68 -4.08
C ASP A 152 -10.72 3.48 -3.39
N LEU A 153 -9.92 2.73 -2.64
CA LEU A 153 -10.33 1.41 -2.12
C LEU A 153 -9.69 1.19 -0.79
N ILE A 154 -10.44 0.75 0.20
CA ILE A 154 -9.91 0.43 1.50
C ILE A 154 -10.25 -1.02 1.84
N ILE A 155 -9.20 -1.76 2.12
CA ILE A 155 -9.36 -3.15 2.46
C ILE A 155 -9.03 -3.34 3.93
N MET A 156 -9.92 -4.03 4.65
CA MET A 156 -9.72 -4.26 6.08
C MET A 156 -9.88 -5.72 6.45
N PHE A 157 -8.96 -6.18 7.26
CA PHE A 157 -9.11 -7.50 7.88
C PHE A 157 -9.72 -7.35 9.25
N TYR A 158 -10.06 -8.47 9.88
CA TYR A 158 -10.74 -8.44 11.20
C TYR A 158 -10.00 -7.64 12.25
N THR A 159 -10.74 -6.83 13.01
CA THR A 159 -10.26 -6.25 14.21
C THR A 159 -11.33 -6.18 15.27
N ARG A 160 -10.91 -6.40 16.50
CA ARG A 160 -11.75 -6.27 17.70
C ARG A 160 -11.43 -5.01 18.53
N GLU A 161 -10.37 -4.30 18.18
CA GLU A 161 -9.89 -3.18 18.99
C GLU A 161 -10.86 -1.99 18.84
N PRO A 162 -11.38 -1.50 19.99
CA PRO A 162 -12.50 -0.55 19.92
C PRO A 162 -12.11 0.83 19.42
N ASN A 163 -10.91 1.29 19.75
CA ASN A 163 -10.42 2.55 19.17
C ASN A 163 -10.29 2.44 17.63
N GLU A 164 -9.88 1.26 17.12
CA GLU A 164 -9.83 1.03 15.66
C GLU A 164 -11.20 1.14 15.06
N LEU A 165 -12.12 0.41 15.68
CA LEU A 165 -13.47 0.37 15.20
C LEU A 165 -14.12 1.76 15.20
N LYS A 166 -13.87 2.53 16.26
CA LYS A 166 -14.38 3.89 16.36
C LYS A 166 -13.77 4.81 15.28
N TRP A 167 -12.49 4.60 14.97
CA TRP A 167 -11.82 5.41 13.94
C TRP A 167 -12.40 5.13 12.52
N ILE A 168 -12.65 3.86 12.22
CA ILE A 168 -13.28 3.44 10.97
C ILE A 168 -14.64 4.17 10.77
N SER A 169 -15.46 4.10 11.81
CA SER A 169 -16.74 4.71 11.83
C SER A 169 -16.69 6.22 11.64
N LYS A 170 -15.77 6.88 12.34
CA LYS A 170 -15.56 8.30 12.19
C LYS A 170 -14.94 8.74 10.87
N TYR A 171 -14.04 7.94 10.28
CA TYR A 171 -13.31 8.42 9.09
C TYR A 171 -13.59 7.77 7.80
N ILE A 172 -14.18 6.61 7.84
CA ILE A 172 -14.41 5.83 6.64
C ILE A 172 -15.89 5.45 6.47
N SER A 173 -16.45 4.66 7.37
CA SER A 173 -17.80 4.19 7.18
C SER A 173 -18.22 3.49 8.42
N THR A 174 -19.40 3.89 8.95
CA THR A 174 -19.96 3.24 10.12
C THR A 174 -20.29 1.82 9.79
N GLU A 175 -20.87 1.56 8.63
CA GLU A 175 -21.25 0.22 8.24
C GLU A 175 -19.98 -0.68 8.14
N ALA A 176 -18.91 -0.14 7.60
CA ALA A 176 -17.64 -0.93 7.52
C ALA A 176 -17.16 -1.33 8.89
N ALA A 177 -17.30 -0.41 9.87
CA ALA A 177 -16.91 -0.69 11.24
C ALA A 177 -17.81 -1.79 11.83
N GLU A 178 -19.08 -1.81 11.45
CA GLU A 178 -19.97 -2.91 11.93
C GLU A 178 -19.58 -4.26 11.31
N LYS A 179 -19.33 -4.26 10.03
CA LYS A 179 -19.01 -5.53 9.34
C LYS A 179 -17.60 -6.06 9.58
N VAL A 180 -16.65 -5.17 9.75
CA VAL A 180 -15.25 -5.59 10.04
C VAL A 180 -15.23 -6.55 11.23
N LYS A 181 -16.12 -6.31 12.19
CA LYS A 181 -16.19 -7.05 13.44
C LYS A 181 -16.73 -8.44 13.23
N THR A 182 -17.36 -8.66 12.08
CA THR A 182 -17.96 -9.94 11.77
C THR A 182 -17.07 -10.85 10.89
N LEU A 183 -15.91 -10.36 10.49
CA LEU A 183 -15.03 -11.05 9.57
C LEU A 183 -14.44 -12.27 10.24
N LYS A 184 -14.55 -13.43 9.59
CA LYS A 184 -13.87 -14.58 10.02
C LYS A 184 -12.42 -14.51 9.52
N GLN A 185 -11.58 -15.41 10.02
CA GLN A 185 -10.15 -15.32 9.77
C GLN A 185 -9.86 -15.48 8.28
N TYR A 186 -9.02 -14.57 7.79
CA TYR A 186 -8.53 -14.48 6.38
C TYR A 186 -9.55 -13.87 5.42
N TYR A 187 -10.76 -13.64 5.91
CA TYR A 187 -11.72 -12.88 5.13
C TYR A 187 -11.35 -11.42 5.17
N PHE A 188 -11.79 -10.67 4.17
CA PHE A 188 -11.50 -9.23 4.19
C PHE A 188 -12.66 -8.46 3.64
N LEU A 189 -12.83 -7.25 4.14
CA LEU A 189 -13.94 -6.35 3.72
C LEU A 189 -13.32 -5.31 2.83
N ILE A 190 -14.01 -5.02 1.73
CA ILE A 190 -13.58 -3.98 0.82
C ILE A 190 -14.58 -2.86 0.74
N TYR A 191 -14.12 -1.68 1.16
CA TYR A 191 -14.84 -0.43 0.98
C TYR A 191 -14.33 0.33 -0.28
N ASP A 192 -15.25 0.49 -1.22
CA ASP A 192 -14.99 1.23 -2.42
C ASP A 192 -15.40 2.68 -2.17
N VAL A 193 -14.42 3.56 -2.09
CA VAL A 193 -14.63 4.97 -1.71
C VAL A 193 -15.43 5.73 -2.79
N ASN A 194 -15.27 5.33 -4.04
CA ASN A 194 -15.92 6.01 -5.20
C ASN A 194 -17.41 5.70 -5.29
N SER A 195 -17.72 4.42 -5.20
CA SER A 195 -19.08 3.92 -5.23
C SER A 195 -19.72 3.82 -3.84
N GLN A 196 -18.93 3.92 -2.78
CA GLN A 196 -19.44 3.83 -1.41
C GLN A 196 -20.01 2.48 -1.00
N MET A 197 -19.62 1.45 -1.71
CA MET A 197 -20.09 0.12 -1.43
C MET A 197 -19.10 -0.80 -0.70
N ILE A 198 -19.69 -1.72 0.08
CA ILE A 198 -18.99 -2.72 0.85
C ILE A 198 -19.24 -4.16 0.37
N LYS A 199 -18.17 -4.89 0.23
CA LYS A 199 -18.28 -6.26 -0.10
C LYS A 199 -17.34 -7.05 0.81
N ILE A 200 -17.80 -8.21 1.23
CA ILE A 200 -17.02 -9.13 2.03
C ILE A 200 -16.42 -10.16 1.12
N HIS A 201 -15.14 -10.40 1.27
CA HIS A 201 -14.41 -11.31 0.38
C HIS A 201 -13.93 -12.51 1.17
N LYS A 202 -14.08 -13.67 0.55
CA LYS A 202 -13.64 -14.94 1.10
C LYS A 202 -12.11 -15.00 1.06
N PRO A 203 -11.52 -15.85 1.89
CA PRO A 203 -10.08 -15.97 1.90
C PRO A 203 -9.59 -16.43 0.56
N ILE A 204 -8.43 -15.95 0.14
CA ILE A 204 -7.88 -16.38 -1.15
C ILE A 204 -7.32 -17.78 -0.94
N HIS A 205 -7.21 -18.56 -2.02
CA HIS A 205 -6.64 -19.87 -1.93
C HIS A 205 -5.15 -19.76 -1.47
N HIS A 206 -4.75 -20.63 -0.56
CA HIS A 206 -3.41 -20.55 0.07
C HIS A 206 -2.74 -21.91 0.09
N HIS A 207 -1.43 -21.96 -0.07
CA HIS A 207 -0.65 -23.18 0.34
C HIS A 207 0.72 -22.79 0.91
#